data_9ERV
#
_entry.id   9ERV
#
_cell.length_a   49.695
_cell.length_b   103.264
_cell.length_c   209.235
_cell.angle_alpha   90.00
_cell.angle_beta   90.00
_cell.angle_gamma   90.00
#
_symmetry.space_group_name_H-M   'C 2 2 21'
#
loop_
_entity.id
_entity.type
_entity.pdbx_description
1 polymer 'RelA/SpoT family protein'
2 polymer GP54
3 non-polymer GLYCEROL
4 non-polymer "ADENOSINE-5'-TRIPHOSPHATE"
5 non-polymer 'MAGNESIUM ION'
6 non-polymer 'SODIUM ION'
7 water water
#
loop_
_entity_poly.entity_id
_entity_poly.type
_entity_poly.pdbx_seq_one_letter_code
_entity_poly.pdbx_strand_id
1 'polypeptide(L)'
;GSEVYQSQKCELKYSKSQIEKAARKIRHGCEGAEREEAIKMIQNFRELHLYPLMLMKNHLDRAAKKVDKENKIIVARRLK
RLSTIIDKLERPSLDGGATNNAIALTRMQDIGGCRAIVRNIEQLKKLKDRLVKSRSKHKILKEYDYLTPKPSGYSGIHLA
YSCFDEENGNNPWSKTKIEVQLRTELQHAWATSLEIIDTLENIKLKTSNEGHPEWRRFFYLSGCLVAHDEGACILDDETI
KNYQTELKTLEEALSVRSKLSTYTFAMKLTSDANLKKSLPKNHNGFFLVRMRNAITKNGKDTGKFLVSVKPFRKKESEQA
LQELNKDDADPEVLIAVLLATNNIKSLKKAYPNYFGSTNQFGRFLSRHIDTV
;
A
2 'polypeptide(L)' MKHHHHHHGSSGMQDQIDAKVIRRNPELTPGIFKKGIEITIDLEEMVCYHSGLTWKVKQLTNTLWSLAGDEHTVMEVI B
#
# COMPACT_ATOMS: atom_id res chain seq x y z
N LEU A 12 3.40 3.40 -33.56
CA LEU A 12 3.54 4.80 -33.14
C LEU A 12 2.23 5.57 -33.27
N LYS A 13 1.39 5.19 -34.25
CA LYS A 13 0.11 5.87 -34.49
C LYS A 13 -1.07 4.88 -34.58
N TYR A 14 -1.66 4.54 -33.43
CA TYR A 14 -2.78 3.61 -33.39
C TYR A 14 -4.07 4.36 -33.08
N SER A 15 -5.11 4.07 -33.84
CA SER A 15 -6.43 4.67 -33.64
C SER A 15 -7.15 4.03 -32.44
N LYS A 16 -8.19 4.70 -31.88
CA LYS A 16 -8.92 4.16 -30.74
C LYS A 16 -9.69 2.88 -31.05
N SER A 17 -9.93 2.59 -32.33
CA SER A 17 -10.60 1.36 -32.74
C SER A 17 -9.61 0.21 -32.65
N GLN A 18 -8.35 0.43 -33.10
CA GLN A 18 -7.27 -0.56 -33.04
C GLN A 18 -6.92 -0.91 -31.59
N ILE A 19 -7.03 0.05 -30.68
CA ILE A 19 -6.70 -0.15 -29.26
C ILE A 19 -7.81 -0.95 -28.57
N GLU A 20 -9.08 -0.66 -28.88
CA GLU A 20 -10.19 -1.43 -28.33
C GLU A 20 -10.14 -2.87 -28.86
N LYS A 21 -9.74 -3.06 -30.14
CA LYS A 21 -9.60 -4.39 -30.75
C LYS A 21 -8.42 -5.15 -30.18
N ALA A 22 -7.30 -4.44 -29.83
CA ALA A 22 -6.12 -5.05 -29.20
C ALA A 22 -6.46 -5.56 -27.82
N ALA A 23 -7.27 -4.80 -27.07
CA ALA A 23 -7.72 -5.19 -25.74
C ALA A 23 -8.66 -6.42 -25.79
N ARG A 24 -9.51 -6.53 -26.83
CA ARG A 24 -10.40 -7.70 -26.98
C ARG A 24 -9.57 -8.97 -27.23
N LYS A 25 -8.45 -8.85 -27.99
CA LYS A 25 -7.55 -9.97 -28.25
C LYS A 25 -6.96 -10.59 -26.97
N ILE A 26 -6.49 -9.74 -26.03
CA ILE A 26 -5.93 -10.18 -24.74
C ILE A 26 -7.00 -10.85 -23.86
N ARG A 27 -8.26 -10.36 -23.95
CA ARG A 27 -9.36 -10.92 -23.18
C ARG A 27 -9.65 -12.37 -23.59
N HIS A 28 -9.67 -12.61 -24.91
CA HIS A 28 -9.93 -13.94 -25.45
C HIS A 28 -8.71 -14.89 -25.45
N GLY A 29 -7.57 -14.42 -24.99
CA GLY A 29 -6.35 -15.23 -24.85
C GLY A 29 -5.54 -15.47 -26.11
N CYS A 30 -5.05 -14.39 -26.75
CA CYS A 30 -4.21 -14.51 -27.94
C CYS A 30 -2.77 -14.93 -27.55
N GLU A 31 -1.98 -15.36 -28.53
CA GLU A 31 -0.60 -15.79 -28.31
C GLU A 31 0.29 -15.34 -29.48
N GLY A 32 1.59 -15.53 -29.34
CA GLY A 32 2.60 -15.29 -30.36
C GLY A 32 2.78 -13.89 -30.89
N ALA A 33 2.88 -13.78 -32.21
CA ALA A 33 3.04 -12.48 -32.86
C ALA A 33 1.80 -11.62 -32.66
N GLU A 34 0.61 -12.24 -32.60
CA GLU A 34 -0.66 -11.57 -32.38
C GLU A 34 -0.65 -10.90 -31.00
N ARG A 35 -0.18 -11.62 -29.95
CA ARG A 35 -0.08 -11.09 -28.61
C ARG A 35 0.90 -9.93 -28.52
N GLU A 36 2.04 -10.04 -29.22
CA GLU A 36 3.05 -8.98 -29.19
C GLU A 36 2.62 -7.72 -29.89
N GLU A 37 1.68 -7.79 -30.83
CA GLU A 37 1.16 -6.58 -31.48
C GLU A 37 0.11 -5.94 -30.57
N ALA A 38 -0.76 -6.75 -29.97
CA ALA A 38 -1.79 -6.30 -29.04
C ALA A 38 -1.20 -5.56 -27.83
N ILE A 39 -0.13 -6.10 -27.24
CA ILE A 39 0.55 -5.51 -26.10
C ILE A 39 1.28 -4.22 -26.47
N LYS A 40 1.75 -4.08 -27.70
CA LYS A 40 2.47 -2.92 -28.20
C LYS A 40 1.51 -1.72 -28.37
N MET A 41 0.29 -1.99 -28.85
CA MET A 41 -0.77 -0.98 -29.01
C MET A 41 -1.29 -0.55 -27.64
N ILE A 42 -1.37 -1.49 -26.67
CA ILE A 42 -1.84 -1.18 -25.34
C ILE A 42 -0.80 -0.39 -24.55
N GLN A 43 0.49 -0.62 -24.81
CA GLN A 43 1.58 0.12 -24.19
C GLN A 43 1.55 1.57 -24.71
N ASN A 44 1.26 1.76 -26.02
CA ASN A 44 1.11 3.06 -26.63
C ASN A 44 -0.03 3.85 -25.95
N PHE A 45 -1.16 3.19 -25.70
CA PHE A 45 -2.33 3.77 -25.04
C PHE A 45 -1.99 4.16 -23.59
N ARG A 46 -1.23 3.32 -22.90
CA ARG A 46 -0.76 3.55 -21.55
C ARG A 46 0.11 4.82 -21.49
N GLU A 47 1.02 4.99 -22.46
CA GLU A 47 1.90 6.16 -22.55
C GLU A 47 1.13 7.47 -22.83
N LEU A 48 -0.02 7.39 -23.50
CA LEU A 48 -0.84 8.57 -23.74
C LEU A 48 -1.37 9.20 -22.42
N HIS A 49 -1.43 8.42 -21.34
CA HIS A 49 -1.88 8.92 -20.04
C HIS A 49 -0.81 9.66 -19.22
N LEU A 50 0.45 9.63 -19.66
CA LEU A 50 1.53 10.26 -18.91
C LEU A 50 1.39 11.77 -18.76
N TYR A 51 1.28 12.53 -19.89
CA TYR A 51 1.10 13.99 -19.81
C TYR A 51 -0.14 14.38 -18.97
N PRO A 52 -1.35 13.84 -19.27
CA PRO A 52 -2.53 14.18 -18.46
C PRO A 52 -2.40 13.77 -17.00
N LEU A 53 -1.69 12.67 -16.69
CA LEU A 53 -1.46 12.26 -15.30
C LEU A 53 -0.67 13.33 -14.57
N MET A 54 0.42 13.80 -15.17
CA MET A 54 1.28 14.80 -14.55
C MET A 54 0.62 16.18 -14.48
N LEU A 55 -0.24 16.47 -15.44
CA LEU A 55 -0.98 17.70 -15.51
C LEU A 55 -2.00 17.75 -14.38
N MET A 56 -2.73 16.62 -14.17
CA MET A 56 -3.71 16.49 -13.11
C MET A 56 -3.06 16.51 -11.75
N LYS A 57 -1.83 15.98 -11.64
CA LYS A 57 -1.08 16.00 -10.44
C LYS A 57 -0.72 17.44 -10.03
N ASN A 58 -0.31 18.29 -10.98
CA ASN A 58 0.01 19.67 -10.67
C ASN A 58 -1.26 20.48 -10.37
N HIS A 59 -2.36 20.18 -11.07
CA HIS A 59 -3.68 20.75 -10.85
C HIS A 59 -4.12 20.46 -9.42
N LEU A 60 -3.91 19.23 -8.97
CA LEU A 60 -4.28 18.76 -7.64
C LEU A 60 -3.39 19.38 -6.55
N ASP A 61 -2.08 19.52 -6.79
CA ASP A 61 -1.10 20.12 -5.89
C ASP A 61 -1.37 21.64 -5.72
N ARG A 62 -1.78 22.30 -6.81
CA ARG A 62 -2.08 23.71 -6.80
C ARG A 62 -3.36 23.95 -5.98
N ALA A 63 -4.38 23.08 -6.14
CA ALA A 63 -5.63 23.18 -5.40
C ALA A 63 -5.46 22.78 -3.91
N ALA A 64 -4.53 21.83 -3.60
CA ALA A 64 -4.27 21.41 -2.21
C ALA A 64 -3.49 22.48 -1.44
N LYS A 65 -2.62 23.22 -2.14
CA LYS A 65 -1.89 24.33 -1.51
C LYS A 65 -2.83 25.50 -1.21
N LYS A 66 -3.95 25.62 -1.94
CA LYS A 66 -4.94 26.65 -1.66
C LYS A 66 -5.75 26.30 -0.42
N VAL A 67 -6.25 25.04 -0.30
CA VAL A 67 -7.05 24.62 0.86
C VAL A 67 -6.20 24.50 2.14
N ASP A 68 -4.92 24.17 2.02
CA ASP A 68 -4.05 24.05 3.19
C ASP A 68 -2.82 24.97 3.03
N LYS A 69 -2.82 26.12 3.72
CA LYS A 69 -1.70 27.06 3.62
C LYS A 69 -0.42 26.57 4.34
N GLU A 70 -0.54 25.54 5.20
CA GLU A 70 0.62 24.90 5.86
C GLU A 70 1.42 24.01 4.88
N ASN A 71 0.81 23.61 3.75
CA ASN A 71 1.39 22.77 2.71
C ASN A 71 1.65 21.34 3.22
N LYS A 72 0.72 20.82 4.06
CA LYS A 72 0.81 19.47 4.65
C LYS A 72 0.07 18.37 3.84
N ILE A 73 -0.67 18.73 2.77
CA ILE A 73 -1.35 17.74 1.94
C ILE A 73 -0.29 17.00 1.12
N ILE A 74 -0.25 15.68 1.25
CA ILE A 74 0.68 14.88 0.46
C ILE A 74 0.01 14.43 -0.85
N VAL A 75 0.70 14.63 -1.96
CA VAL A 75 0.16 14.28 -3.27
C VAL A 75 1.05 13.21 -3.92
N ALA A 76 0.43 12.15 -4.45
CA ALA A 76 1.11 11.04 -5.08
C ALA A 76 0.47 10.76 -6.43
N ARG A 77 1.22 10.10 -7.33
CA ARG A 77 0.67 9.73 -8.63
C ARG A 77 1.30 8.47 -9.15
N ARG A 78 0.63 7.79 -10.09
CA ARG A 78 1.18 6.58 -10.62
C ARG A 78 0.54 6.21 -11.95
N LEU A 79 1.38 5.84 -12.88
CA LEU A 79 0.92 5.34 -14.16
C LEU A 79 0.82 3.83 -13.92
N LYS A 80 -0.33 3.27 -14.25
CA LYS A 80 -0.62 1.86 -14.04
C LYS A 80 0.30 1.03 -14.89
N ARG A 81 0.99 0.05 -14.31
CA ARG A 81 1.94 -0.82 -15.00
C ARG A 81 1.32 -1.61 -16.17
N LEU A 82 2.11 -1.87 -17.21
CA LEU A 82 1.61 -2.64 -18.36
C LEU A 82 1.18 -4.05 -17.95
N SER A 83 1.99 -4.75 -17.15
CA SER A 83 1.66 -6.09 -16.66
C SER A 83 0.32 -6.14 -15.87
N THR A 84 0.05 -5.10 -15.05
CA THR A 84 -1.19 -4.98 -14.28
C THR A 84 -2.37 -4.83 -15.24
N ILE A 85 -2.24 -3.97 -16.26
CA ILE A 85 -3.30 -3.76 -17.25
C ILE A 85 -3.57 -5.07 -18.01
N ILE A 86 -2.52 -5.74 -18.47
CA ILE A 86 -2.64 -7.01 -19.18
C ILE A 86 -3.33 -8.07 -18.30
N ASP A 87 -2.95 -8.16 -17.02
CA ASP A 87 -3.56 -9.12 -16.08
C ASP A 87 -5.03 -8.82 -15.83
N LYS A 88 -5.38 -7.55 -15.74
CA LYS A 88 -6.75 -7.12 -15.50
C LYS A 88 -7.64 -7.54 -16.67
N LEU A 89 -7.17 -7.37 -17.90
CA LEU A 89 -7.93 -7.77 -19.08
C LEU A 89 -8.12 -9.29 -19.24
N GLU A 90 -7.17 -10.11 -18.76
CA GLU A 90 -7.27 -11.56 -18.93
C GLU A 90 -7.76 -12.34 -17.68
N ARG A 91 -8.65 -11.75 -16.87
CA ARG A 91 -9.18 -12.45 -15.70
C ARG A 91 -10.67 -12.83 -15.84
N ALA A 102 -16.06 -7.63 -16.61
CA ALA A 102 -15.36 -7.47 -17.88
C ALA A 102 -15.11 -5.99 -18.16
N ILE A 103 -14.00 -5.43 -17.63
CA ILE A 103 -13.66 -4.02 -17.81
C ILE A 103 -13.14 -3.74 -19.22
N ALA A 104 -13.66 -2.69 -19.90
CA ALA A 104 -13.17 -2.34 -21.23
C ALA A 104 -11.97 -1.40 -21.08
N LEU A 105 -10.89 -1.62 -21.85
CA LEU A 105 -9.69 -0.79 -21.75
C LEU A 105 -9.96 0.72 -21.94
N THR A 106 -10.79 1.10 -22.91
CA THR A 106 -11.13 2.50 -23.14
C THR A 106 -12.20 3.06 -22.16
N ARG A 107 -12.72 2.22 -21.26
CA ARG A 107 -13.62 2.60 -20.19
C ARG A 107 -12.88 2.68 -18.83
N MET A 108 -11.60 2.21 -18.74
CA MET A 108 -10.80 2.24 -17.52
C MET A 108 -10.54 3.67 -17.05
N GLN A 109 -10.96 3.96 -15.84
CA GLN A 109 -10.86 5.28 -15.24
C GLN A 109 -9.54 5.64 -14.61
N ASP A 110 -8.66 4.66 -14.39
CA ASP A 110 -7.45 4.85 -13.64
C ASP A 110 -6.13 4.41 -14.29
N ILE A 111 -5.94 4.44 -15.64
CA ILE A 111 -4.58 4.16 -16.22
C ILE A 111 -3.57 5.13 -15.56
N GLY A 112 -3.97 6.38 -15.44
CA GLY A 112 -3.25 7.38 -14.67
C GLY A 112 -4.07 7.63 -13.43
N GLY A 113 -3.42 7.72 -12.27
CA GLY A 113 -4.10 7.97 -11.00
C GLY A 113 -3.29 8.90 -10.11
N CYS A 114 -3.96 9.87 -9.50
CA CYS A 114 -3.48 10.88 -8.55
C CYS A 114 -4.13 10.66 -7.22
N ARG A 115 -3.49 11.08 -6.14
CA ARG A 115 -4.01 10.91 -4.81
C ARG A 115 -3.64 12.07 -3.90
N ALA A 116 -4.60 12.61 -3.15
CA ALA A 116 -4.31 13.65 -2.16
C ALA A 116 -4.63 13.12 -0.77
N ILE A 117 -3.68 13.20 0.15
CA ILE A 117 -3.86 12.77 1.54
C ILE A 117 -3.98 14.00 2.45
N VAL A 118 -5.20 14.23 2.95
CA VAL A 118 -5.56 15.37 3.79
C VAL A 118 -5.60 14.99 5.29
N ARG A 119 -5.63 16.00 6.17
CA ARG A 119 -5.60 15.81 7.60
C ARG A 119 -6.90 15.23 8.13
N ASN A 120 -8.04 15.80 7.73
CA ASN A 120 -9.33 15.38 8.24
C ASN A 120 -10.47 15.49 7.18
N ILE A 121 -11.71 15.08 7.54
CA ILE A 121 -12.87 15.09 6.66
C ILE A 121 -13.25 16.49 6.24
N GLU A 122 -13.06 17.48 7.13
CA GLU A 122 -13.37 18.86 6.80
C GLU A 122 -12.45 19.35 5.68
N GLN A 123 -11.15 19.00 5.77
CA GLN A 123 -10.18 19.33 4.75
C GLN A 123 -10.50 18.59 3.43
N LEU A 124 -10.88 17.30 3.52
CA LEU A 124 -11.26 16.47 2.38
C LEU A 124 -12.39 17.08 1.56
N LYS A 125 -13.50 17.47 2.21
CA LYS A 125 -14.67 18.06 1.54
C LYS A 125 -14.35 19.43 0.97
N LYS A 126 -13.50 20.19 1.65
CA LYS A 126 -13.02 21.51 1.22
C LYS A 126 -12.19 21.35 -0.09
N LEU A 127 -11.36 20.29 -0.19
CA LEU A 127 -10.58 20.04 -1.41
C LEU A 127 -11.50 19.55 -2.53
N LYS A 128 -12.51 18.71 -2.22
CA LYS A 128 -13.46 18.22 -3.23
C LYS A 128 -14.24 19.37 -3.87
N ASP A 129 -14.73 20.31 -3.04
CA ASP A 129 -15.50 21.46 -3.52
C ASP A 129 -14.69 22.34 -4.47
N ARG A 130 -13.42 22.55 -4.16
CA ARG A 130 -12.51 23.33 -4.98
C ARG A 130 -12.26 22.67 -6.36
N LEU A 131 -12.04 21.36 -6.40
CA LEU A 131 -11.85 20.62 -7.63
C LEU A 131 -13.14 20.61 -8.47
N VAL A 132 -14.31 20.51 -7.81
CA VAL A 132 -15.62 20.48 -8.47
C VAL A 132 -15.97 21.86 -9.07
N LYS A 133 -15.58 22.94 -8.39
CA LYS A 133 -15.82 24.28 -8.90
C LYS A 133 -14.79 24.76 -9.91
N SER A 134 -13.72 24.00 -10.17
CA SER A 134 -12.69 24.40 -11.12
C SER A 134 -13.21 24.46 -12.54
N ARG A 135 -12.90 25.56 -13.22
CA ARG A 135 -13.33 25.74 -14.59
C ARG A 135 -12.18 25.43 -15.54
N SER A 136 -11.94 24.16 -15.80
CA SER A 136 -10.88 23.75 -16.71
C SER A 136 -11.44 22.84 -17.82
N LYS A 137 -10.61 22.44 -18.78
CA LYS A 137 -11.05 21.54 -19.85
C LYS A 137 -11.22 20.10 -19.37
N HIS A 138 -10.88 19.80 -18.10
CA HIS A 138 -10.90 18.45 -17.55
C HIS A 138 -12.15 18.30 -16.72
N LYS A 139 -13.04 17.41 -17.15
CA LYS A 139 -14.33 17.25 -16.50
C LYS A 139 -14.42 16.04 -15.62
N ILE A 140 -15.06 16.18 -14.45
CA ILE A 140 -15.33 15.10 -13.56
C ILE A 140 -16.59 14.42 -14.11
N LEU A 141 -16.43 13.25 -14.73
CA LEU A 141 -17.56 12.50 -15.27
C LEU A 141 -18.34 11.79 -14.19
N LYS A 142 -17.67 11.40 -13.07
CA LYS A 142 -18.28 10.71 -11.96
C LYS A 142 -17.61 11.04 -10.63
N GLU A 143 -18.42 11.31 -9.63
CA GLU A 143 -17.93 11.53 -8.27
C GLU A 143 -18.37 10.28 -7.52
N TYR A 144 -17.42 9.51 -6.97
CA TYR A 144 -17.74 8.33 -6.20
C TYR A 144 -17.59 8.65 -4.74
N ASP A 145 -18.70 8.68 -4.01
CA ASP A 145 -18.66 8.92 -2.59
C ASP A 145 -18.58 7.59 -1.86
N TYR A 146 -17.42 7.32 -1.27
CA TYR A 146 -17.23 6.13 -0.46
C TYR A 146 -17.04 6.53 1.00
N LEU A 147 -17.59 7.66 1.46
CA LEU A 147 -17.44 8.03 2.90
C LEU A 147 -18.11 6.99 3.82
N THR A 148 -19.12 6.26 3.29
CA THR A 148 -19.64 5.10 3.98
C THR A 148 -18.82 3.96 3.38
N PRO A 149 -18.06 3.24 4.21
CA PRO A 149 -17.16 2.22 3.66
C PRO A 149 -17.78 1.16 2.75
N LYS A 150 -17.01 0.79 1.73
CA LYS A 150 -17.27 -0.26 0.78
C LYS A 150 -17.23 -1.62 1.51
N PRO A 151 -17.70 -2.72 0.88
CA PRO A 151 -17.65 -4.04 1.53
C PRO A 151 -16.25 -4.47 1.99
N SER A 152 -15.20 -3.90 1.41
CA SER A 152 -13.84 -4.21 1.83
C SER A 152 -13.45 -3.48 3.15
N GLY A 153 -14.09 -2.36 3.44
CA GLY A 153 -13.80 -1.44 4.53
C GLY A 153 -13.22 -0.12 4.03
N TYR A 154 -12.99 -0.04 2.71
CA TYR A 154 -12.41 1.13 2.06
C TYR A 154 -13.32 2.34 2.10
N SER A 155 -12.77 3.48 2.52
CA SER A 155 -13.51 4.73 2.51
C SER A 155 -12.63 5.89 2.02
N GLY A 156 -13.28 6.85 1.37
CA GLY A 156 -12.67 8.02 0.76
C GLY A 156 -13.51 8.52 -0.40
N ILE A 157 -12.93 9.33 -1.29
CA ILE A 157 -13.68 9.89 -2.43
C ILE A 157 -12.89 9.73 -3.70
N HIS A 158 -13.49 9.23 -4.79
CA HIS A 158 -12.81 9.15 -6.08
C HIS A 158 -13.46 10.08 -7.08
N LEU A 159 -12.65 10.80 -7.86
CA LEU A 159 -13.13 11.70 -8.89
C LEU A 159 -12.66 11.11 -10.20
N ALA A 160 -13.58 10.79 -11.10
CA ALA A 160 -13.20 10.23 -12.39
C ALA A 160 -13.16 11.36 -13.40
N TYR A 161 -11.96 11.80 -13.78
CA TYR A 161 -11.79 12.88 -14.76
C TYR A 161 -11.65 12.36 -16.16
N SER A 162 -12.11 13.16 -17.11
CA SER A 162 -11.92 13.01 -18.54
C SER A 162 -11.16 14.31 -18.94
N CYS A 163 -9.86 14.20 -19.19
CA CYS A 163 -9.00 15.33 -19.56
C CYS A 163 -9.27 15.74 -20.99
N PHE A 164 -9.29 17.06 -21.29
CA PHE A 164 -9.59 17.60 -22.63
C PHE A 164 -10.87 16.97 -23.18
N ASP A 165 -11.89 16.95 -22.32
CA ASP A 165 -13.17 16.29 -22.55
C ASP A 165 -13.97 16.77 -23.78
N GLU A 166 -14.27 18.07 -23.86
CA GLU A 166 -15.08 18.67 -24.92
C GLU A 166 -14.29 19.55 -25.85
N GLU A 167 -13.25 20.22 -25.34
CA GLU A 167 -12.37 21.11 -26.12
C GLU A 167 -11.17 20.32 -26.54
N ASN A 168 -11.14 19.97 -27.83
CA ASN A 168 -10.18 19.06 -28.42
C ASN A 168 -9.40 19.63 -29.66
N GLY A 169 -9.96 19.50 -30.87
CA GLY A 169 -9.30 19.90 -32.09
C GLY A 169 -8.35 18.81 -32.54
N ASN A 170 -7.06 19.15 -32.59
CA ASN A 170 -5.97 18.25 -32.97
C ASN A 170 -5.21 17.81 -31.68
N ASN A 171 -5.92 17.65 -30.56
CA ASN A 171 -5.31 17.29 -29.30
C ASN A 171 -5.26 15.78 -29.14
N PRO A 172 -4.05 15.17 -29.08
CA PRO A 172 -3.97 13.72 -28.87
C PRO A 172 -4.43 13.24 -27.49
N TRP A 173 -4.53 14.17 -26.52
CA TRP A 173 -4.92 13.82 -25.16
C TRP A 173 -6.41 13.96 -24.88
N SER A 174 -7.23 14.22 -25.91
CA SER A 174 -8.69 14.34 -25.78
C SER A 174 -9.31 13.13 -25.11
N LYS A 175 -10.23 13.40 -24.17
CA LYS A 175 -10.96 12.39 -23.40
C LYS A 175 -10.06 11.34 -22.71
N THR A 176 -8.89 11.76 -22.17
CA THR A 176 -7.98 10.87 -21.45
C THR A 176 -8.49 10.72 -20.02
N LYS A 177 -8.69 9.50 -19.56
CA LYS A 177 -9.22 9.24 -18.22
C LYS A 177 -8.15 9.18 -17.13
N ILE A 178 -8.29 10.03 -16.10
CA ILE A 178 -7.37 10.09 -14.96
C ILE A 178 -8.21 10.04 -13.69
N GLU A 179 -7.81 9.21 -12.72
CA GLU A 179 -8.55 9.08 -11.47
C GLU A 179 -7.93 9.92 -10.38
N VAL A 180 -8.75 10.63 -9.58
CA VAL A 180 -8.25 11.40 -8.46
C VAL A 180 -8.80 10.83 -7.15
N GLN A 181 -7.94 10.33 -6.26
CA GLN A 181 -8.38 9.78 -4.98
C GLN A 181 -8.15 10.79 -3.84
N LEU A 182 -9.17 11.01 -2.99
CA LEU A 182 -9.10 11.92 -1.85
C LEU A 182 -9.27 11.10 -0.60
N ARG A 183 -8.32 11.20 0.32
CA ARG A 183 -8.29 10.39 1.54
C ARG A 183 -7.77 11.18 2.72
N THR A 184 -8.19 10.82 3.95
CA THR A 184 -7.59 11.40 5.14
C THR A 184 -6.35 10.51 5.52
N GLU A 185 -5.55 10.99 6.45
CA GLU A 185 -4.37 10.27 6.91
C GLU A 185 -4.73 8.92 7.51
N LEU A 186 -5.83 8.83 8.27
CA LEU A 186 -6.27 7.57 8.89
C LEU A 186 -6.88 6.63 7.85
N GLN A 187 -7.60 7.16 6.85
CA GLN A 187 -8.09 6.32 5.73
C GLN A 187 -6.91 5.76 4.95
N HIS A 188 -5.83 6.56 4.78
CA HIS A 188 -4.59 6.15 4.10
C HIS A 188 -3.79 5.11 4.92
N ALA A 189 -3.73 5.26 6.25
CA ALA A 189 -3.08 4.33 7.20
C ALA A 189 -3.72 2.93 7.15
N TRP A 190 -5.05 2.88 7.03
CA TRP A 190 -5.84 1.67 6.85
C TRP A 190 -5.45 0.99 5.51
N ALA A 191 -5.45 1.75 4.41
CA ALA A 191 -5.13 1.26 3.07
C ALA A 191 -3.69 0.78 2.91
N THR A 192 -2.73 1.46 3.58
CA THR A 192 -1.32 1.09 3.59
C THR A 192 -1.15 -0.21 4.34
N SER A 193 -1.81 -0.34 5.51
CA SER A 193 -1.75 -1.55 6.32
C SER A 193 -2.40 -2.72 5.60
N LEU A 194 -3.49 -2.47 4.87
CA LEU A 194 -4.12 -3.51 4.07
C LEU A 194 -3.17 -3.97 2.97
N GLU A 195 -2.47 -3.04 2.28
CA GLU A 195 -1.54 -3.45 1.24
C GLU A 195 -0.32 -4.20 1.78
N ILE A 196 0.21 -3.76 2.93
CA ILE A 196 1.33 -4.46 3.54
C ILE A 196 0.95 -5.89 3.93
N ILE A 197 -0.14 -6.10 4.68
CA ILE A 197 -0.62 -7.43 5.05
C ILE A 197 -0.93 -8.29 3.81
N ASP A 198 -1.66 -7.73 2.85
CA ASP A 198 -2.05 -8.45 1.65
C ASP A 198 -0.85 -8.91 0.84
N THR A 199 0.15 -8.06 0.71
CA THR A 199 1.37 -8.39 -0.02
C THR A 199 2.22 -9.41 0.75
N LEU A 200 2.69 -9.07 1.96
CA LEU A 200 3.58 -9.89 2.74
C LEU A 200 2.95 -11.20 3.26
N GLU A 201 1.63 -11.24 3.50
CA GLU A 201 0.97 -12.48 3.92
C GLU A 201 0.50 -13.33 2.72
N ASN A 202 0.63 -12.82 1.48
CA ASN A 202 0.23 -13.50 0.25
C ASN A 202 -1.25 -13.87 0.20
N ILE A 203 -2.10 -13.17 0.95
CA ILE A 203 -3.52 -13.42 0.92
C ILE A 203 -4.04 -12.60 -0.24
N LYS A 204 -4.58 -13.25 -1.27
CA LYS A 204 -5.04 -12.51 -2.46
C LYS A 204 -6.44 -11.93 -2.24
N LEU A 205 -6.55 -10.86 -1.43
CA LEU A 205 -7.85 -10.29 -1.12
C LEU A 205 -8.52 -9.62 -2.31
N LYS A 206 -7.75 -8.96 -3.18
CA LYS A 206 -8.33 -8.32 -4.36
C LYS A 206 -8.56 -9.36 -5.46
N THR A 207 -7.59 -10.26 -5.65
CA THR A 207 -7.60 -11.32 -6.67
C THR A 207 -8.88 -12.14 -6.64
N SER A 208 -9.34 -12.49 -5.44
CA SER A 208 -10.55 -13.28 -5.29
C SER A 208 -11.50 -12.68 -4.26
N ASN A 209 -12.78 -13.03 -4.34
CA ASN A 209 -13.75 -12.63 -3.30
C ASN A 209 -14.03 -13.78 -2.30
N GLU A 210 -13.23 -14.86 -2.39
CA GLU A 210 -13.28 -16.07 -1.59
C GLU A 210 -11.98 -16.26 -0.77
N GLY A 211 -12.09 -17.03 0.30
CA GLY A 211 -10.96 -17.29 1.18
C GLY A 211 -10.76 -16.20 2.21
N HIS A 212 -9.89 -16.46 3.20
CA HIS A 212 -9.52 -15.57 4.29
C HIS A 212 -10.67 -14.74 4.86
N PRO A 213 -11.78 -15.39 5.31
CA PRO A 213 -12.92 -14.62 5.82
C PRO A 213 -12.60 -13.79 7.05
N GLU A 214 -11.67 -14.26 7.89
CA GLU A 214 -11.28 -13.56 9.09
C GLU A 214 -10.54 -12.27 8.77
N TRP A 215 -9.58 -12.31 7.80
CA TRP A 215 -8.84 -11.13 7.38
C TRP A 215 -9.79 -10.15 6.67
N ARG A 216 -10.71 -10.67 5.84
CA ARG A 216 -11.69 -9.83 5.15
C ARG A 216 -12.56 -9.07 6.13
N ARG A 217 -13.05 -9.76 7.14
CA ARG A 217 -13.88 -9.19 8.18
C ARG A 217 -13.10 -8.23 9.07
N PHE A 218 -11.84 -8.54 9.38
CA PHE A 218 -10.98 -7.63 10.15
C PHE A 218 -10.88 -6.24 9.47
N PHE A 219 -10.54 -6.23 8.15
CA PHE A 219 -10.38 -5.00 7.36
C PHE A 219 -11.68 -4.27 7.14
N TYR A 220 -12.80 -5.00 7.02
CA TYR A 220 -14.09 -4.36 6.89
C TYR A 220 -14.47 -3.62 8.20
N LEU A 221 -14.42 -4.30 9.36
CA LEU A 221 -14.80 -3.69 10.62
C LEU A 221 -13.87 -2.57 11.05
N SER A 222 -12.55 -2.73 10.87
CA SER A 222 -11.61 -1.68 11.18
C SER A 222 -11.83 -0.48 10.25
N GLY A 223 -12.19 -0.74 8.98
CA GLY A 223 -12.57 0.30 8.01
C GLY A 223 -13.78 1.11 8.43
N CYS A 224 -14.84 0.43 8.87
CA CYS A 224 -16.05 1.04 9.43
C CYS A 224 -15.73 1.89 10.66
N LEU A 225 -14.84 1.41 11.53
CA LEU A 225 -14.44 2.16 12.73
C LEU A 225 -13.55 3.37 12.39
N VAL A 226 -12.82 3.31 11.25
CA VAL A 226 -11.99 4.41 10.78
C VAL A 226 -12.95 5.52 10.31
N ALA A 227 -13.95 5.18 9.46
CA ALA A 227 -14.92 6.16 8.96
C ALA A 227 -15.80 6.75 10.09
N HIS A 228 -15.98 6.01 11.20
CA HIS A 228 -16.71 6.53 12.35
C HIS A 228 -15.84 7.58 13.03
N ASP A 229 -14.59 7.21 13.40
CA ASP A 229 -13.65 8.12 14.07
C ASP A 229 -13.36 9.36 13.27
N GLU A 230 -13.30 9.22 11.93
CA GLU A 230 -13.06 10.34 11.04
C GLU A 230 -14.26 11.27 10.87
N GLY A 231 -15.44 10.83 11.23
CA GLY A 231 -16.66 11.59 11.00
C GLY A 231 -17.22 11.42 9.59
N ALA A 232 -16.64 10.50 8.79
CA ALA A 232 -17.07 10.22 7.42
C ALA A 232 -18.41 9.48 7.37
N CYS A 233 -18.63 8.55 8.31
CA CYS A 233 -19.85 7.75 8.42
C CYS A 233 -20.05 7.35 9.88
N ILE A 234 -20.92 8.05 10.58
CA ILE A 234 -21.18 7.81 11.98
C ILE A 234 -22.08 6.59 12.26
N LEU A 235 -21.55 5.64 13.01
CA LEU A 235 -22.28 4.46 13.44
C LEU A 235 -22.93 4.75 14.79
N ASP A 236 -24.09 4.12 15.08
CA ASP A 236 -24.72 4.29 16.39
C ASP A 236 -23.92 3.51 17.46
N ASP A 237 -24.15 3.81 18.75
CA ASP A 237 -23.39 3.20 19.84
C ASP A 237 -23.45 1.69 19.97
N GLU A 238 -24.58 1.07 19.62
CA GLU A 238 -24.70 -0.38 19.72
C GLU A 238 -23.77 -1.05 18.68
N THR A 239 -23.73 -0.50 17.45
CA THR A 239 -22.85 -0.98 16.38
C THR A 239 -21.37 -0.83 16.77
N ILE A 240 -20.97 0.33 17.36
CA ILE A 240 -19.59 0.58 17.81
C ILE A 240 -19.15 -0.51 18.78
N LYS A 241 -20.01 -0.82 19.75
CA LYS A 241 -19.79 -1.79 20.81
C LYS A 241 -19.59 -3.23 20.28
N ASN A 242 -20.43 -3.66 19.37
CA ASN A 242 -20.33 -5.00 18.76
C ASN A 242 -19.12 -5.08 17.79
N TYR A 243 -18.81 -3.99 17.10
CA TYR A 243 -17.68 -3.95 16.17
C TYR A 243 -16.36 -4.05 16.92
N GLN A 244 -16.28 -3.38 18.09
CA GLN A 244 -15.12 -3.40 18.96
C GLN A 244 -14.91 -4.80 19.51
N THR A 245 -15.99 -5.48 19.91
CA THR A 245 -15.93 -6.86 20.40
C THR A 245 -15.42 -7.81 19.31
N GLU A 246 -15.92 -7.66 18.09
CA GLU A 246 -15.47 -8.47 16.95
C GLU A 246 -14.03 -8.13 16.64
N LEU A 247 -13.65 -6.85 16.69
CA LEU A 247 -12.29 -6.41 16.37
C LEU A 247 -11.25 -7.00 17.32
N LYS A 248 -11.56 -7.01 18.61
CA LYS A 248 -10.69 -7.62 19.61
C LYS A 248 -10.52 -9.14 19.31
N THR A 249 -11.61 -9.80 18.94
CA THR A 249 -11.62 -11.23 18.61
C THR A 249 -10.78 -11.56 17.36
N LEU A 250 -11.02 -10.84 16.24
CA LEU A 250 -10.33 -11.01 14.97
C LEU A 250 -8.86 -10.67 15.12
N GLU A 251 -8.53 -9.56 15.82
CA GLU A 251 -7.15 -9.14 15.99
C GLU A 251 -6.31 -10.14 16.77
N GLU A 252 -6.90 -10.81 17.78
CA GLU A 252 -6.19 -11.81 18.55
C GLU A 252 -5.95 -13.05 17.69
N ALA A 253 -6.94 -13.45 16.92
CA ALA A 253 -6.83 -14.62 16.04
C ALA A 253 -5.78 -14.38 14.97
N LEU A 254 -5.71 -13.15 14.42
CA LEU A 254 -4.78 -12.86 13.33
C LEU A 254 -3.43 -12.32 13.75
N SER A 255 -3.29 -11.88 15.00
CA SER A 255 -2.09 -11.22 15.56
C SER A 255 -1.70 -10.00 14.73
N VAL A 256 -2.70 -9.18 14.37
CA VAL A 256 -2.54 -8.01 13.53
C VAL A 256 -1.53 -6.99 14.05
N ARG A 257 -1.69 -6.51 15.29
CA ARG A 257 -0.75 -5.51 15.80
C ARG A 257 0.74 -5.98 15.77
N SER A 258 1.01 -7.27 16.08
CA SER A 258 2.34 -7.88 16.05
C SER A 258 2.85 -8.06 14.66
N LYS A 259 2.04 -8.63 13.74
CA LYS A 259 2.48 -8.76 12.34
C LYS A 259 2.77 -7.38 11.74
N LEU A 260 1.88 -6.42 11.89
CA LEU A 260 2.08 -5.07 11.39
C LEU A 260 3.33 -4.38 11.94
N SER A 261 3.60 -4.53 13.24
CA SER A 261 4.80 -3.94 13.86
C SER A 261 6.09 -4.60 13.35
N THR A 262 6.13 -5.95 13.33
CA THR A 262 7.28 -6.74 12.91
C THR A 262 7.65 -6.45 11.47
N TYR A 263 6.66 -6.47 10.55
CA TYR A 263 6.88 -6.14 9.12
C TYR A 263 7.45 -4.75 8.93
N THR A 264 6.95 -3.77 9.67
CA THR A 264 7.42 -2.40 9.58
C THR A 264 8.85 -2.28 10.11
N PHE A 265 9.14 -2.94 11.23
CA PHE A 265 10.46 -2.99 11.87
C PHE A 265 11.50 -3.62 10.93
N ALA A 266 11.15 -4.76 10.30
CA ALA A 266 12.03 -5.44 9.34
C ALA A 266 12.28 -4.57 8.12
N MET A 267 11.25 -3.84 7.64
CA MET A 267 11.38 -2.95 6.49
C MET A 267 12.27 -1.77 6.84
N LYS A 268 12.13 -1.21 8.04
CA LYS A 268 12.96 -0.10 8.51
C LYS A 268 14.45 -0.49 8.49
N LEU A 269 14.82 -1.67 9.06
CA LEU A 269 16.22 -2.13 9.08
C LEU A 269 16.86 -2.37 7.71
N THR A 270 16.12 -2.91 6.74
CA THR A 270 16.64 -3.15 5.39
C THR A 270 16.96 -1.87 4.61
N SER A 271 16.48 -0.71 5.08
CA SER A 271 16.79 0.59 4.49
C SER A 271 18.10 1.17 5.03
N ASP A 272 18.78 0.50 5.99
CA ASP A 272 20.02 0.98 6.55
C ASP A 272 21.10 1.08 5.46
N ALA A 273 21.93 2.13 5.51
CA ALA A 273 22.98 2.32 4.49
C ALA A 273 24.09 1.25 4.54
N ASN A 274 24.57 0.91 5.75
CA ASN A 274 25.63 -0.09 5.92
C ASN A 274 25.18 -1.47 5.48
N LEU A 275 23.93 -1.81 5.77
CA LEU A 275 23.36 -3.10 5.39
C LEU A 275 23.38 -3.27 3.87
N LYS A 276 23.01 -2.20 3.15
CA LYS A 276 22.94 -2.19 1.70
C LYS A 276 24.29 -2.37 0.99
N LYS A 277 25.41 -2.01 1.62
CA LYS A 277 26.72 -2.28 0.97
C LYS A 277 27.11 -3.76 1.20
N SER A 278 26.68 -4.34 2.31
CA SER A 278 26.91 -5.77 2.65
C SER A 278 26.21 -6.66 1.63
N LEU A 279 25.15 -6.16 1.00
CA LEU A 279 24.32 -6.97 0.10
C LEU A 279 25.10 -7.37 -1.15
N PRO A 280 24.72 -8.49 -1.82
CA PRO A 280 25.30 -8.80 -3.10
C PRO A 280 24.73 -7.69 -4.00
N LYS A 281 25.41 -7.32 -5.08
CA LYS A 281 24.97 -6.16 -5.90
C LYS A 281 23.59 -6.44 -6.52
N ASN A 282 23.32 -7.66 -6.96
CA ASN A 282 22.04 -7.94 -7.65
C ASN A 282 21.10 -8.66 -6.70
N HIS A 283 21.01 -8.22 -5.45
CA HIS A 283 20.22 -9.02 -4.48
C HIS A 283 18.76 -9.06 -4.93
N ASN A 284 18.16 -10.24 -4.85
CA ASN A 284 16.77 -10.44 -5.34
C ASN A 284 16.19 -11.64 -4.60
N GLY A 285 16.72 -11.91 -3.41
CA GLY A 285 16.22 -13.01 -2.60
C GLY A 285 15.54 -12.62 -1.31
N PHE A 286 15.86 -13.33 -0.23
CA PHE A 286 15.23 -13.10 1.07
C PHE A 286 16.08 -12.28 2.06
N PHE A 287 15.42 -11.78 3.10
CA PHE A 287 16.03 -11.12 4.25
C PHE A 287 15.44 -11.84 5.43
N LEU A 288 16.29 -12.34 6.33
CA LEU A 288 15.83 -13.01 7.51
C LEU A 288 16.09 -12.08 8.69
N VAL A 289 15.03 -11.54 9.29
CA VAL A 289 15.15 -10.62 10.42
C VAL A 289 14.84 -11.39 11.70
N ARG A 290 15.78 -11.40 12.65
CA ARG A 290 15.66 -12.15 13.89
C ARG A 290 16.08 -11.29 15.09
N MET A 291 15.34 -11.38 16.20
CA MET A 291 15.74 -10.70 17.43
C MET A 291 15.82 -11.73 18.53
N ARG A 292 16.93 -11.75 19.26
CA ARG A 292 17.09 -12.70 20.35
C ARG A 292 17.66 -12.08 21.62
N ASN A 293 17.43 -12.73 22.75
CA ASN A 293 17.99 -12.28 24.01
C ASN A 293 19.51 -12.50 24.01
N ALA A 294 20.25 -11.60 24.63
CA ALA A 294 21.70 -11.75 24.81
C ALA A 294 21.95 -12.41 26.18
N ILE A 295 23.15 -12.97 26.41
CA ILE A 295 23.48 -13.56 27.71
C ILE A 295 23.77 -12.46 28.72
N GLY A 303 19.31 -7.54 30.74
CA GLY A 303 18.47 -7.17 29.62
C GLY A 303 19.26 -6.58 28.48
N LYS A 304 19.45 -7.35 27.41
CA LYS A 304 20.18 -6.95 26.19
C LYS A 304 19.67 -7.85 25.05
N PHE A 305 19.59 -7.30 23.85
CA PHE A 305 19.04 -8.03 22.71
C PHE A 305 19.89 -7.86 21.49
N LEU A 306 19.94 -8.89 20.63
CA LEU A 306 20.70 -8.81 19.39
C LEU A 306 19.71 -8.92 18.24
N VAL A 307 19.78 -7.98 17.29
CA VAL A 307 18.94 -7.95 16.11
C VAL A 307 19.84 -8.17 14.91
N SER A 308 19.51 -9.13 14.03
CA SER A 308 20.29 -9.36 12.83
C SER A 308 19.41 -9.41 11.58
N VAL A 309 19.95 -9.00 10.44
CA VAL A 309 19.24 -9.06 9.17
C VAL A 309 20.14 -9.86 8.27
N LYS A 310 19.71 -11.05 7.87
CA LYS A 310 20.53 -11.95 7.09
C LYS A 310 20.11 -12.03 5.63
N PRO A 311 20.96 -11.55 4.72
CA PRO A 311 20.62 -11.60 3.29
C PRO A 311 20.76 -13.02 2.74
N PHE A 312 19.91 -13.37 1.79
CA PHE A 312 19.95 -14.68 1.15
C PHE A 312 19.72 -14.50 -0.34
N ARG A 313 20.45 -15.26 -1.17
CA ARG A 313 20.22 -15.22 -2.61
C ARG A 313 18.94 -16.01 -2.91
N LYS A 314 18.28 -15.74 -4.03
CA LYS A 314 17.04 -16.44 -4.39
C LYS A 314 17.23 -17.95 -4.49
N LYS A 315 18.42 -18.40 -4.89
CA LYS A 315 18.75 -19.82 -5.00
C LYS A 315 18.85 -20.49 -3.63
N GLU A 316 19.20 -19.72 -2.59
CA GLU A 316 19.34 -20.22 -1.22
C GLU A 316 18.04 -20.11 -0.42
N SER A 317 16.88 -20.08 -1.08
CA SER A 317 15.58 -19.96 -0.40
C SER A 317 15.25 -21.13 0.54
N GLU A 318 15.69 -22.34 0.19
CA GLU A 318 15.46 -23.51 1.03
C GLU A 318 16.31 -23.43 2.32
N GLN A 319 17.54 -22.89 2.19
CA GLN A 319 18.46 -22.67 3.29
C GLN A 319 17.92 -21.57 4.23
N ALA A 320 17.23 -20.56 3.67
CA ALA A 320 16.62 -19.44 4.39
C ALA A 320 15.44 -19.93 5.22
N LEU A 321 14.62 -20.83 4.64
CA LEU A 321 13.45 -21.40 5.31
C LEU A 321 13.89 -22.35 6.45
N GLN A 322 14.97 -23.09 6.22
CA GLN A 322 15.52 -24.00 7.22
C GLN A 322 16.02 -23.18 8.42
N GLU A 323 16.73 -22.07 8.15
CA GLU A 323 17.26 -21.17 9.17
C GLU A 323 16.15 -20.42 9.94
N LEU A 324 14.99 -20.21 9.29
CA LEU A 324 13.82 -19.57 9.87
C LEU A 324 13.12 -20.51 10.85
N ASN A 325 13.03 -21.80 10.51
CA ASN A 325 12.40 -22.80 11.39
C ASN A 325 13.25 -23.13 12.63
N LYS A 326 14.57 -22.96 12.54
CA LYS A 326 15.49 -23.14 13.67
C LYS A 326 15.29 -21.99 14.67
N ASP A 327 15.09 -20.76 14.15
CA ASP A 327 14.84 -19.58 14.98
C ASP A 327 13.43 -19.59 15.58
N ASP A 328 12.45 -20.17 14.85
CA ASP A 328 11.08 -20.32 15.34
C ASP A 328 11.03 -21.31 16.53
N ALA A 329 11.86 -22.36 16.51
CA ALA A 329 11.91 -23.36 17.58
C ALA A 329 12.71 -22.89 18.81
N ASP A 330 13.58 -21.87 18.66
CA ASP A 330 14.42 -21.32 19.73
C ASP A 330 13.62 -20.44 20.71
N PRO A 331 13.62 -20.74 22.02
CA PRO A 331 12.86 -19.90 22.97
C PRO A 331 13.46 -18.52 23.25
N GLU A 332 14.75 -18.33 22.93
CA GLU A 332 15.45 -17.05 23.10
C GLU A 332 15.17 -16.02 21.98
N VAL A 333 14.52 -16.46 20.88
CA VAL A 333 14.14 -15.64 19.75
C VAL A 333 12.71 -15.09 19.92
N LEU A 334 12.55 -13.76 19.82
CA LEU A 334 11.27 -13.05 19.98
C LEU A 334 10.65 -12.64 18.63
N ILE A 335 11.50 -12.39 17.62
CA ILE A 335 11.14 -11.99 16.28
C ILE A 335 11.84 -12.94 15.31
N ALA A 336 11.14 -13.48 14.34
CA ALA A 336 11.68 -14.36 13.31
C ALA A 336 10.77 -14.17 12.11
N VAL A 337 11.26 -13.52 11.06
CA VAL A 337 10.46 -13.25 9.86
C VAL A 337 11.35 -13.34 8.61
N LEU A 338 10.78 -13.85 7.50
CA LEU A 338 11.45 -13.99 6.21
C LEU A 338 10.75 -13.07 5.20
N LEU A 339 11.47 -12.11 4.58
CA LEU A 339 10.84 -11.19 3.63
C LEU A 339 11.58 -11.11 2.30
N ALA A 340 10.86 -11.21 1.20
CA ALA A 340 11.46 -11.09 -0.13
C ALA A 340 11.81 -9.63 -0.39
N THR A 341 13.05 -9.36 -0.81
CA THR A 341 13.50 -8.00 -1.03
C THR A 341 12.72 -7.21 -2.07
N ASN A 342 12.21 -7.87 -3.13
CA ASN A 342 11.47 -7.17 -4.17
C ASN A 342 10.16 -6.59 -3.64
N ASN A 343 9.49 -7.33 -2.75
CA ASN A 343 8.24 -6.89 -2.15
C ASN A 343 8.46 -5.74 -1.20
N ILE A 344 9.57 -5.75 -0.44
CA ILE A 344 9.94 -4.67 0.47
C ILE A 344 10.16 -3.39 -0.33
N LYS A 345 10.89 -3.51 -1.45
CA LYS A 345 11.21 -2.43 -2.38
C LYS A 345 9.97 -1.74 -2.97
N SER A 346 9.03 -2.51 -3.52
CA SER A 346 7.81 -1.92 -4.08
C SER A 346 6.90 -1.29 -3.04
N LEU A 347 6.81 -1.85 -1.81
CA LEU A 347 5.98 -1.25 -0.78
C LEU A 347 6.57 0.08 -0.32
N LYS A 348 7.90 0.16 -0.19
CA LYS A 348 8.57 1.39 0.19
C LYS A 348 8.38 2.51 -0.85
N LYS A 349 8.30 2.13 -2.14
CA LYS A 349 8.14 3.04 -3.26
C LYS A 349 6.70 3.52 -3.37
N ALA A 350 5.74 2.60 -3.24
CA ALA A 350 4.31 2.91 -3.24
C ALA A 350 3.91 3.74 -2.01
N TYR A 351 4.54 3.44 -0.86
CA TYR A 351 4.23 4.14 0.39
C TYR A 351 5.46 4.76 1.07
N PRO A 352 5.84 5.98 0.67
CA PRO A 352 7.01 6.62 1.29
C PRO A 352 6.90 6.76 2.82
N ASN A 353 5.69 7.04 3.32
CA ASN A 353 5.46 7.20 4.75
C ASN A 353 4.75 5.96 5.32
N TYR A 354 5.13 4.74 4.88
CA TYR A 354 4.51 3.52 5.36
C TYR A 354 4.59 3.36 6.91
N PHE A 355 5.69 3.81 7.53
CA PHE A 355 5.88 3.61 8.97
C PHE A 355 5.04 4.54 9.81
N GLY A 356 4.81 5.75 9.32
CA GLY A 356 3.90 6.67 9.99
C GLY A 356 2.48 6.11 9.97
N SER A 357 2.08 5.51 8.84
CA SER A 357 0.78 4.89 8.66
C SER A 357 0.56 3.64 9.50
N THR A 358 1.52 2.68 9.49
CA THR A 358 1.33 1.46 10.28
C THR A 358 1.33 1.77 11.77
N ASN A 359 2.11 2.77 12.22
CA ASN A 359 2.10 3.21 13.62
C ASN A 359 0.72 3.76 13.99
N GLN A 360 0.18 4.67 13.15
CA GLN A 360 -1.12 5.26 13.35
C GLN A 360 -2.25 4.21 13.35
N PHE A 361 -2.21 3.26 12.42
CA PHE A 361 -3.21 2.20 12.36
C PHE A 361 -3.14 1.27 13.59
N GLY A 362 -1.94 0.94 14.05
CA GLY A 362 -1.77 0.12 15.25
C GLY A 362 -2.29 0.81 16.52
N ARG A 363 -2.07 2.16 16.63
CA ARG A 363 -2.57 2.97 17.75
C ARG A 363 -4.09 3.03 17.70
N PHE A 364 -4.66 3.17 16.51
CA PHE A 364 -6.10 3.19 16.30
C PHE A 364 -6.72 1.85 16.75
N LEU A 365 -6.07 0.72 16.38
CA LEU A 365 -6.55 -0.61 16.78
C LEU A 365 -6.53 -0.77 18.30
N SER A 366 -5.47 -0.30 18.98
CA SER A 366 -5.37 -0.38 20.44
C SER A 366 -6.47 0.42 21.13
N ARG A 367 -6.86 1.59 20.59
CA ARG A 367 -7.93 2.42 21.17
C ARG A 367 -9.30 1.73 21.13
N HIS A 368 -9.57 0.94 20.10
CA HIS A 368 -10.83 0.24 19.98
C HIS A 368 -10.83 -1.13 20.66
N ILE A 369 -9.68 -1.81 20.73
CA ILE A 369 -9.59 -3.12 21.37
C ILE A 369 -9.57 -3.00 22.91
N ASP A 370 -8.80 -2.04 23.43
CA ASP A 370 -8.66 -1.83 24.87
C ASP A 370 -9.72 -0.86 25.44
N THR A 371 -10.97 -0.92 24.94
CA THR A 371 -12.04 -0.06 25.45
C THR A 371 -12.78 -0.72 26.61
N GLU B 27 7.95 -14.62 -7.95
CA GLU B 27 7.47 -16.01 -7.95
C GLU B 27 7.54 -16.63 -6.54
N LEU B 28 8.43 -16.11 -5.71
CA LEU B 28 8.60 -16.68 -4.34
C LEU B 28 7.60 -16.05 -3.36
N THR B 29 7.40 -16.68 -2.21
CA THR B 29 6.48 -16.18 -1.17
C THR B 29 7.00 -14.83 -0.67
N PRO B 30 6.14 -13.78 -0.65
CA PRO B 30 6.63 -12.45 -0.24
C PRO B 30 7.05 -12.36 1.23
N GLY B 31 6.42 -13.16 2.09
CA GLY B 31 6.75 -13.17 3.50
C GLY B 31 6.33 -14.41 4.24
N ILE B 32 7.15 -14.83 5.20
CA ILE B 32 6.83 -15.95 6.07
C ILE B 32 7.02 -15.47 7.49
N PHE B 33 5.92 -15.34 8.24
CA PHE B 33 6.00 -14.84 9.62
C PHE B 33 5.95 -15.98 10.62
N LYS B 34 6.96 -16.06 11.47
CA LYS B 34 7.01 -17.08 12.51
C LYS B 34 6.78 -16.45 13.88
N LYS B 35 7.52 -15.38 14.20
CA LYS B 35 7.42 -14.73 15.50
C LYS B 35 7.50 -13.22 15.36
N GLY B 36 6.90 -12.52 16.28
CA GLY B 36 6.94 -11.07 16.31
C GLY B 36 6.32 -10.50 17.55
N ILE B 37 6.62 -9.24 17.81
CA ILE B 37 6.10 -8.49 18.96
C ILE B 37 5.77 -7.05 18.49
N GLU B 38 5.16 -6.24 19.37
CA GLU B 38 4.95 -4.83 19.05
C GLU B 38 6.28 -4.15 19.33
N ILE B 39 6.89 -3.60 18.28
CA ILE B 39 8.19 -2.97 18.33
C ILE B 39 8.28 -1.82 17.34
N THR B 40 8.98 -0.74 17.70
CA THR B 40 9.27 0.36 16.81
C THR B 40 10.75 0.68 16.89
N ILE B 41 11.35 1.06 15.78
CA ILE B 41 12.77 1.41 15.75
C ILE B 41 12.98 2.70 14.93
N ASP B 42 13.86 3.59 15.40
CA ASP B 42 14.22 4.82 14.69
C ASP B 42 15.75 4.80 14.60
N LEU B 43 16.32 4.56 13.40
CA LEU B 43 17.76 4.49 13.23
C LEU B 43 18.46 5.88 13.14
N GLU B 44 17.67 6.98 13.13
CA GLU B 44 18.26 8.32 13.16
C GLU B 44 18.55 8.64 14.63
N GLU B 45 17.53 8.48 15.49
CA GLU B 45 17.66 8.67 16.94
C GLU B 45 18.41 7.51 17.62
N MET B 46 18.55 6.36 16.92
CA MET B 46 19.17 5.11 17.39
C MET B 46 18.51 4.65 18.67
N VAL B 47 17.17 4.61 18.64
CA VAL B 47 16.33 4.17 19.76
C VAL B 47 15.34 3.09 19.29
N CYS B 48 14.96 2.22 20.22
CA CYS B 48 14.00 1.15 19.95
C CYS B 48 13.03 1.02 21.10
N TYR B 49 11.79 0.65 20.82
CA TYR B 49 10.77 0.52 21.83
C TYR B 49 10.11 -0.85 21.77
N HIS B 50 10.25 -1.63 22.84
CA HIS B 50 9.61 -2.92 22.96
C HIS B 50 9.53 -3.38 24.41
N SER B 51 8.51 -4.18 24.74
CA SER B 51 8.29 -4.77 26.07
C SER B 51 8.09 -3.72 27.18
N GLY B 52 7.52 -2.57 26.83
CA GLY B 52 7.33 -1.47 27.77
C GLY B 52 8.61 -0.75 28.17
N LEU B 53 9.71 -0.96 27.42
CA LEU B 53 11.01 -0.36 27.73
C LEU B 53 11.65 0.44 26.57
N THR B 54 12.62 1.32 26.88
CA THR B 54 13.34 2.08 25.86
C THR B 54 14.74 1.52 25.73
N TRP B 55 15.15 1.17 24.49
CA TRP B 55 16.45 0.53 24.25
C TRP B 55 17.32 1.40 23.36
N LYS B 56 18.60 1.53 23.72
CA LYS B 56 19.56 2.29 22.93
C LYS B 56 20.11 1.35 21.86
N VAL B 57 20.09 1.79 20.60
CA VAL B 57 20.56 0.98 19.48
C VAL B 57 22.03 1.27 19.13
N LYS B 58 22.78 0.21 18.83
CA LYS B 58 24.17 0.35 18.39
C LYS B 58 24.43 -0.69 17.28
N GLN B 59 25.01 -0.27 16.16
CA GLN B 59 25.32 -1.19 15.08
C GLN B 59 26.65 -1.82 15.35
N LEU B 60 26.70 -3.16 15.46
CA LEU B 60 27.96 -3.85 15.70
C LEU B 60 28.62 -4.19 14.37
N THR B 61 27.85 -4.71 13.40
CA THR B 61 28.30 -5.04 12.04
C THR B 61 27.24 -4.52 11.01
N ASN B 62 27.48 -4.64 9.69
CA ASN B 62 26.53 -4.17 8.66
C ASN B 62 25.14 -4.80 8.79
N THR B 63 25.08 -6.01 9.32
CA THR B 63 23.87 -6.78 9.47
C THR B 63 23.52 -7.10 10.94
N LEU B 64 24.19 -6.45 11.93
CA LEU B 64 23.93 -6.78 13.33
C LEU B 64 23.84 -5.55 14.25
N TRP B 65 22.86 -5.55 15.16
CA TRP B 65 22.59 -4.47 16.11
C TRP B 65 22.38 -5.01 17.51
N SER B 66 22.65 -4.20 18.53
CA SER B 66 22.36 -4.56 19.91
C SER B 66 21.44 -3.52 20.54
N LEU B 67 20.54 -3.97 21.40
CA LEU B 67 19.64 -3.09 22.10
C LEU B 67 19.99 -3.21 23.56
N ALA B 68 20.37 -2.10 24.18
CA ALA B 68 20.75 -2.11 25.59
C ALA B 68 19.87 -1.17 26.41
N GLY B 69 19.73 -1.44 27.70
CA GLY B 69 18.92 -0.60 28.59
C GLY B 69 19.44 0.82 28.72
#